data_2Z61
#
_entry.id   2Z61
#
_cell.length_a   111.866
_cell.length_b   111.866
_cell.length_c   60.862
_cell.angle_alpha   90.00
_cell.angle_beta   90.00
_cell.angle_gamma   90.00
#
_symmetry.space_group_name_H-M   'P 43 21 2'
#
loop_
_entity.id
_entity.type
_entity.pdbx_description
1 polymer 'Probable aspartate aminotransferase 2'
2 water water
#
_entity_poly.entity_id   1
_entity_poly.type   'polypeptide(L)'
_entity_poly.pdbx_seq_one_letter_code
;MLSKRLLNFESFEVMDILALAQKLESEGKKVIHLEIGEPDFNTPKPIVDEGIKSLKEGKTHYTDSRGILELREKISELYK
DKYKADIIPDNIIITGGSSLGLFFALSSIIDDGDEVLIQNPCYPCYKNFIRFLGAKPVFCDFTVESLEEALSDKTKAIII
NSPSNPLGEVIDREIYEFAYENIPYIISDEIYNGLVYEGKCYSAIEFDENLEKTILINGFS(LLP)LYAMTGWRIGYVIS
NDEIIEAILKLQQNLFISAPTISQYAALKAFEKETEREINSMIKEFDRRRRLVLKYVKDFGWEVNNPIGAYYVFPNIGED
GREFAYKLLKEKFVALTPGIGFGSKGKNYIRISYANSYENIKEGLERIKEFLNK
;
_entity_poly.pdbx_strand_id   A
#
# COMPACT_ATOMS: atom_id res chain seq x y z
N MET A 1 -27.31 -18.83 -5.31
CA MET A 1 -27.40 -18.71 -3.83
C MET A 1 -26.56 -17.55 -3.29
N LEU A 2 -25.32 -17.41 -3.78
CA LEU A 2 -24.44 -16.33 -3.36
C LEU A 2 -24.98 -15.00 -3.87
N SER A 3 -24.66 -13.92 -3.16
CA SER A 3 -25.12 -12.59 -3.57
C SER A 3 -24.46 -12.14 -4.87
N LYS A 4 -25.07 -11.16 -5.53
CA LYS A 4 -24.54 -10.62 -6.77
C LYS A 4 -23.18 -9.97 -6.54
N ARG A 5 -23.03 -9.24 -5.44
CA ARG A 5 -21.77 -8.58 -5.14
C ARG A 5 -20.58 -9.53 -5.13
N LEU A 6 -20.72 -10.64 -4.40
CA LEU A 6 -19.64 -11.61 -4.30
C LEU A 6 -19.35 -12.29 -5.61
N LEU A 7 -20.31 -12.22 -6.54
CA LEU A 7 -20.15 -12.84 -7.84
C LEU A 7 -19.27 -12.01 -8.77
N ASN A 8 -19.17 -10.71 -8.49
CA ASN A 8 -18.35 -9.81 -9.29
C ASN A 8 -16.95 -9.66 -8.70
N PHE A 9 -16.78 -10.10 -7.46
CA PHE A 9 -15.50 -10.00 -6.76
C PHE A 9 -14.41 -10.82 -7.45
N GLU A 10 -13.56 -10.16 -8.22
CA GLU A 10 -12.48 -10.85 -8.93
C GLU A 10 -11.42 -11.39 -7.98
N SER A 11 -10.73 -12.45 -8.42
CA SER A 11 -9.69 -13.07 -7.61
C SER A 11 -8.30 -12.62 -8.05
N PHE A 12 -7.34 -12.69 -7.13
CA PHE A 12 -5.96 -12.30 -7.42
C PHE A 12 -5.33 -13.39 -8.28
N GLU A 13 -4.67 -12.98 -9.36
CA GLU A 13 -4.01 -13.91 -10.28
C GLU A 13 -2.68 -14.44 -9.72
N VAL A 14 -2.60 -14.58 -8.41
CA VAL A 14 -1.37 -15.05 -7.78
C VAL A 14 -1.58 -16.40 -7.11
N MET A 15 -2.85 -16.76 -6.90
CA MET A 15 -3.22 -18.03 -6.27
C MET A 15 -2.61 -19.21 -7.01
N ASP A 16 -2.44 -19.03 -8.32
CA ASP A 16 -1.86 -20.07 -9.17
C ASP A 16 -0.44 -20.35 -8.71
N ILE A 17 0.42 -19.35 -8.86
CA ILE A 17 1.82 -19.44 -8.48
C ILE A 17 2.00 -19.85 -7.02
N LEU A 18 1.22 -19.24 -6.13
CA LEU A 18 1.30 -19.56 -4.70
C LEU A 18 1.17 -21.06 -4.47
N ALA A 19 0.21 -21.68 -5.15
CA ALA A 19 -0.02 -23.11 -5.02
C ALA A 19 1.19 -23.89 -5.48
N LEU A 20 1.69 -23.55 -6.66
CA LEU A 20 2.85 -24.23 -7.24
C LEU A 20 4.07 -24.08 -6.33
N ALA A 21 4.22 -22.91 -5.72
CA ALA A 21 5.35 -22.64 -4.84
C ALA A 21 5.36 -23.53 -3.60
N GLN A 22 4.18 -23.84 -3.07
CA GLN A 22 4.08 -24.70 -1.89
C GLN A 22 4.42 -26.13 -2.25
N LYS A 23 4.05 -26.55 -3.45
CA LYS A 23 4.33 -27.90 -3.90
C LYS A 23 5.84 -28.09 -3.96
N LEU A 24 6.51 -27.21 -4.69
CA LEU A 24 7.96 -27.27 -4.84
C LEU A 24 8.65 -27.16 -3.48
N GLU A 25 8.07 -26.33 -2.61
CA GLU A 25 8.63 -26.11 -1.28
C GLU A 25 8.50 -27.36 -0.41
N SER A 26 7.44 -28.12 -0.63
CA SER A 26 7.22 -29.34 0.14
C SER A 26 8.10 -30.45 -0.37
N GLU A 27 8.43 -30.40 -1.66
CA GLU A 27 9.29 -31.42 -2.27
C GLU A 27 10.73 -31.23 -1.81
N GLY A 28 10.94 -30.30 -0.89
CA GLY A 28 12.28 -30.06 -0.39
C GLY A 28 13.12 -29.22 -1.32
N LYS A 29 12.47 -28.38 -2.12
CA LYS A 29 13.17 -27.51 -3.06
C LYS A 29 13.15 -26.07 -2.54
N LYS A 30 14.34 -25.48 -2.42
CA LYS A 30 14.46 -24.12 -1.93
C LYS A 30 13.92 -23.10 -2.94
N VAL A 31 12.75 -22.55 -2.63
CA VAL A 31 12.10 -21.57 -3.47
C VAL A 31 12.44 -20.15 -3.03
N ILE A 32 12.88 -19.32 -3.96
CA ILE A 32 13.21 -17.93 -3.63
C ILE A 32 11.98 -17.08 -3.86
N HIS A 33 11.47 -16.51 -2.76
CA HIS A 33 10.28 -15.68 -2.79
C HIS A 33 10.52 -14.19 -3.10
N LEU A 34 10.09 -13.76 -4.28
CA LEU A 34 10.22 -12.37 -4.69
C LEU A 34 8.82 -11.85 -5.01
N GLU A 35 7.83 -12.37 -4.30
CA GLU A 35 6.45 -12.00 -4.49
C GLU A 35 5.81 -11.56 -3.18
N ILE A 36 6.64 -11.45 -2.13
CA ILE A 36 6.18 -11.05 -0.80
C ILE A 36 5.70 -9.61 -0.73
N GLY A 37 4.48 -9.42 -0.25
CA GLY A 37 3.90 -8.09 -0.15
C GLY A 37 4.05 -7.40 1.20
N GLU A 38 4.86 -7.97 2.08
CA GLU A 38 5.08 -7.36 3.39
C GLU A 38 6.57 -7.37 3.72
N PRO A 39 7.03 -6.37 4.50
CA PRO A 39 8.45 -6.31 4.87
C PRO A 39 8.91 -7.51 5.70
N ASP A 40 10.13 -7.96 5.44
CA ASP A 40 10.73 -9.09 6.12
C ASP A 40 11.40 -8.74 7.45
N PHE A 41 11.16 -7.53 7.95
CA PHE A 41 11.76 -7.14 9.22
C PHE A 41 10.80 -7.38 10.36
N ASN A 42 11.34 -7.51 11.57
CA ASN A 42 10.52 -7.68 12.76
C ASN A 42 10.05 -6.31 13.18
N THR A 43 9.06 -6.24 14.06
CA THR A 43 8.69 -4.92 14.52
C THR A 43 9.76 -4.35 15.44
N PRO A 44 10.06 -3.02 15.26
CA PRO A 44 11.05 -2.42 16.11
C PRO A 44 10.86 -2.73 17.59
N LYS A 45 11.97 -3.00 18.26
CA LYS A 45 12.00 -3.37 19.67
C LYS A 45 11.21 -2.51 20.64
N PRO A 46 11.39 -1.18 20.59
CA PRO A 46 10.61 -0.37 21.53
C PRO A 46 9.11 -0.54 21.38
N ILE A 47 8.65 -0.88 20.18
CA ILE A 47 7.22 -1.10 19.93
C ILE A 47 6.81 -2.44 20.54
N VAL A 48 7.63 -3.47 20.30
CA VAL A 48 7.34 -4.80 20.84
C VAL A 48 7.27 -4.76 22.36
N ASP A 49 8.24 -4.11 23.01
CA ASP A 49 8.26 -4.02 24.48
C ASP A 49 7.03 -3.30 25.04
N GLU A 50 6.59 -2.24 24.35
CA GLU A 50 5.43 -1.49 24.80
C GLU A 50 4.18 -2.38 24.71
N GLY A 51 4.17 -3.28 23.73
CA GLY A 51 3.05 -4.18 23.57
C GLY A 51 3.05 -5.18 24.71
N ILE A 52 4.24 -5.65 25.09
CA ILE A 52 4.38 -6.59 26.19
C ILE A 52 3.92 -5.94 27.49
N LYS A 53 4.38 -4.71 27.72
CA LYS A 53 4.02 -3.97 28.92
C LYS A 53 2.51 -3.72 29.00
N SER A 54 1.90 -3.40 27.86
CA SER A 54 0.46 -3.15 27.84
C SER A 54 -0.31 -4.37 28.32
N LEU A 55 0.06 -5.54 27.82
CA LEU A 55 -0.60 -6.78 28.20
C LEU A 55 -0.49 -7.04 29.71
N LYS A 56 0.68 -6.77 30.28
CA LYS A 56 0.90 -6.97 31.70
C LYS A 56 0.05 -6.01 32.52
N GLU A 57 -0.35 -4.90 31.92
CA GLU A 57 -1.17 -3.94 32.64
C GLU A 57 -2.67 -4.11 32.37
N GLY A 58 -3.03 -5.17 31.65
CA GLY A 58 -4.44 -5.40 31.36
C GLY A 58 -5.14 -4.49 30.36
N LYS A 59 -4.40 -3.98 29.37
CA LYS A 59 -5.00 -3.13 28.35
C LYS A 59 -5.67 -4.05 27.34
N THR A 60 -6.76 -4.69 27.76
CA THR A 60 -7.46 -5.65 26.92
C THR A 60 -8.91 -5.34 26.56
N HIS A 61 -9.42 -4.19 26.98
CA HIS A 61 -10.81 -3.85 26.65
C HIS A 61 -10.91 -2.96 25.42
N TYR A 62 -12.13 -2.64 25.00
CA TYR A 62 -12.35 -1.76 23.84
C TYR A 62 -11.86 -0.35 24.19
N THR A 63 -11.42 0.41 23.19
CA THR A 63 -11.02 1.79 23.43
C THR A 63 -12.07 2.62 22.71
N ASP A 64 -11.95 3.94 22.83
CA ASP A 64 -12.84 4.88 22.15
C ASP A 64 -12.76 4.47 20.68
N SER A 65 -13.88 4.52 19.95
CA SER A 65 -13.86 4.12 18.55
C SER A 65 -12.99 4.97 17.63
N ARG A 66 -12.66 6.19 18.04
CA ARG A 66 -11.81 7.06 17.24
C ARG A 66 -10.37 6.63 17.42
N GLY A 67 -10.11 5.94 18.53
CA GLY A 67 -8.75 5.51 18.83
C GLY A 67 -8.27 6.35 19.99
N ILE A 68 -7.44 5.79 20.86
CA ILE A 68 -6.96 6.55 22.00
C ILE A 68 -6.43 7.92 21.61
N LEU A 69 -6.80 8.92 22.40
CA LEU A 69 -6.42 10.31 22.17
C LEU A 69 -4.91 10.51 22.10
N GLU A 70 -4.17 9.84 22.97
CA GLU A 70 -2.72 9.99 22.97
C GLU A 70 -2.11 9.66 21.61
N LEU A 71 -2.62 8.60 20.98
CA LEU A 71 -2.08 8.19 19.67
C LEU A 71 -2.39 9.26 18.62
N ARG A 72 -3.66 9.65 18.53
CA ARG A 72 -4.07 10.66 17.58
C ARG A 72 -3.27 11.96 17.75
N GLU A 73 -2.90 12.28 18.98
CA GLU A 73 -2.11 13.48 19.21
C GLU A 73 -0.72 13.33 18.61
N LYS A 74 -0.08 12.18 18.84
CA LYS A 74 1.24 11.93 18.30
C LYS A 74 1.24 11.99 16.76
N ILE A 75 0.24 11.40 16.13
CA ILE A 75 0.17 11.41 14.67
C ILE A 75 -0.01 12.85 14.20
N SER A 76 -0.85 13.58 14.91
CA SER A 76 -1.12 14.98 14.63
C SER A 76 0.19 15.76 14.69
N GLU A 77 0.96 15.56 15.75
CA GLU A 77 2.24 16.26 15.90
C GLU A 77 3.20 15.84 14.79
N LEU A 78 3.11 14.59 14.37
CA LEU A 78 3.96 14.08 13.30
C LEU A 78 3.78 14.88 12.00
N TYR A 79 2.53 15.13 11.64
CA TYR A 79 2.22 15.87 10.42
C TYR A 79 2.60 17.34 10.49
N LYS A 80 2.54 17.92 11.68
CA LYS A 80 2.91 19.31 11.85
C LYS A 80 4.43 19.47 11.77
N ASP A 81 5.15 18.37 11.99
CA ASP A 81 6.62 18.42 11.94
C ASP A 81 7.18 18.00 10.58
N LYS A 82 6.69 16.90 10.04
CA LYS A 82 7.19 16.43 8.75
C LYS A 82 6.71 17.35 7.63
N TYR A 83 5.51 17.90 7.81
CA TYR A 83 4.94 18.83 6.85
C TYR A 83 4.47 20.02 7.67
N LYS A 84 4.27 21.17 7.03
CA LYS A 84 3.82 22.34 7.77
C LYS A 84 2.31 22.37 7.88
N ALA A 85 1.70 21.19 7.93
CA ALA A 85 0.26 21.08 8.02
C ALA A 85 -0.20 20.79 9.44
N ASP A 86 -1.10 21.62 9.96
CA ASP A 86 -1.61 21.42 11.31
C ASP A 86 -2.94 20.69 11.24
N ILE A 87 -3.04 19.58 11.96
CA ILE A 87 -4.24 18.76 11.98
C ILE A 87 -4.68 18.53 13.42
N ILE A 88 -5.98 18.58 13.66
CA ILE A 88 -6.54 18.37 14.98
C ILE A 88 -6.77 16.86 15.23
N PRO A 89 -6.58 16.40 16.47
CA PRO A 89 -6.77 14.98 16.80
C PRO A 89 -8.14 14.43 16.42
N ASP A 90 -9.16 15.28 16.41
CA ASP A 90 -10.50 14.85 16.05
C ASP A 90 -10.63 14.54 14.56
N ASN A 91 -9.65 14.96 13.78
CA ASN A 91 -9.67 14.71 12.32
C ASN A 91 -8.99 13.38 11.98
N ILE A 92 -8.72 12.59 13.01
CA ILE A 92 -8.03 11.32 12.82
C ILE A 92 -8.78 10.15 13.46
N ILE A 93 -8.83 9.02 12.77
CA ILE A 93 -9.46 7.83 13.33
C ILE A 93 -8.51 6.65 13.19
N ILE A 94 -8.35 5.90 14.27
CA ILE A 94 -7.47 4.73 14.25
C ILE A 94 -8.32 3.55 13.76
N THR A 95 -7.90 2.92 12.67
CA THR A 95 -8.64 1.80 12.09
C THR A 95 -7.92 0.47 12.29
N GLY A 96 -8.60 -0.62 11.96
CA GLY A 96 -7.98 -1.93 12.09
C GLY A 96 -7.22 -2.24 10.82
N GLY A 97 -6.17 -1.48 10.57
CA GLY A 97 -5.40 -1.66 9.35
C GLY A 97 -5.76 -0.62 8.31
N SER A 98 -4.93 -0.53 7.28
CA SER A 98 -5.10 0.41 6.16
C SER A 98 -6.21 -0.02 5.19
N SER A 99 -6.40 -1.33 5.05
CA SER A 99 -7.42 -1.87 4.16
C SER A 99 -8.82 -1.45 4.60
N LEU A 100 -9.12 -1.59 5.89
CA LEU A 100 -10.44 -1.20 6.39
C LEU A 100 -10.60 0.31 6.24
N GLY A 101 -9.53 1.05 6.51
CA GLY A 101 -9.60 2.49 6.40
C GLY A 101 -10.06 2.91 5.02
N LEU A 102 -9.38 2.38 4.00
CA LEU A 102 -9.73 2.68 2.61
C LEU A 102 -11.19 2.32 2.35
N PHE A 103 -11.59 1.10 2.74
CA PHE A 103 -12.97 0.69 2.52
C PHE A 103 -13.97 1.68 3.13
N PHE A 104 -13.72 2.10 4.36
CA PHE A 104 -14.60 3.04 5.03
C PHE A 104 -14.63 4.39 4.32
N ALA A 105 -13.48 4.80 3.78
CA ALA A 105 -13.37 6.07 3.06
C ALA A 105 -14.29 6.06 1.83
N LEU A 106 -14.14 5.03 1.00
CA LEU A 106 -14.95 4.87 -0.20
C LEU A 106 -16.45 4.80 0.15
N SER A 107 -16.78 4.06 1.21
CA SER A 107 -18.18 3.92 1.62
C SER A 107 -18.88 5.23 1.95
N SER A 108 -18.16 6.14 2.59
CA SER A 108 -18.73 7.41 3.00
C SER A 108 -19.02 8.43 1.91
N ILE A 109 -18.50 8.23 0.70
CA ILE A 109 -18.71 9.19 -0.37
C ILE A 109 -19.16 8.64 -1.71
N ILE A 110 -19.21 7.32 -1.85
CA ILE A 110 -19.59 6.73 -3.13
C ILE A 110 -21.01 6.14 -3.23
N ASP A 111 -21.79 6.66 -4.19
CA ASP A 111 -23.15 6.19 -4.43
C ASP A 111 -23.13 5.24 -5.63
N ASP A 112 -24.22 4.51 -5.83
CA ASP A 112 -24.29 3.59 -6.95
C ASP A 112 -24.22 4.39 -8.25
N GLY A 113 -23.48 3.87 -9.23
CA GLY A 113 -23.36 4.55 -10.50
C GLY A 113 -22.14 5.46 -10.64
N ASP A 114 -21.51 5.81 -9.52
CA ASP A 114 -20.33 6.67 -9.55
C ASP A 114 -19.16 6.00 -10.27
N GLU A 115 -18.24 6.82 -10.73
CA GLU A 115 -17.05 6.33 -11.40
C GLU A 115 -15.87 6.77 -10.54
N VAL A 116 -14.95 5.85 -10.28
CA VAL A 116 -13.78 6.16 -9.47
C VAL A 116 -12.57 5.91 -10.37
N LEU A 117 -11.67 6.89 -10.44
CA LEU A 117 -10.48 6.77 -11.27
C LEU A 117 -9.34 6.10 -10.50
N ILE A 118 -8.75 5.08 -11.09
CA ILE A 118 -7.64 4.37 -10.47
C ILE A 118 -6.56 4.21 -11.53
N GLN A 119 -5.30 4.20 -11.10
CA GLN A 119 -4.20 4.05 -12.05
C GLN A 119 -4.10 2.64 -12.64
N ASN A 120 -3.61 2.55 -13.87
CA ASN A 120 -3.39 1.29 -14.57
C ASN A 120 -1.88 1.23 -14.80
N PRO A 121 -1.17 0.36 -14.06
CA PRO A 121 -1.57 -0.62 -13.03
C PRO A 121 -1.71 -0.02 -11.63
N CYS A 122 -2.34 -0.77 -10.74
CA CYS A 122 -2.55 -0.34 -9.36
C CYS A 122 -2.80 -1.53 -8.42
N TYR A 123 -3.07 -1.22 -7.15
CA TYR A 123 -3.37 -2.22 -6.13
C TYR A 123 -4.65 -2.97 -6.53
N PRO A 124 -4.58 -4.29 -6.70
CA PRO A 124 -5.74 -5.12 -7.08
C PRO A 124 -7.03 -5.02 -6.27
N CYS A 125 -6.93 -4.64 -5.00
CA CYS A 125 -8.11 -4.52 -4.15
C CYS A 125 -8.97 -3.30 -4.44
N TYR A 126 -8.38 -2.25 -5.02
CA TYR A 126 -9.13 -1.04 -5.33
C TYR A 126 -10.40 -1.35 -6.14
N LYS A 127 -10.23 -1.98 -7.29
CA LYS A 127 -11.39 -2.30 -8.14
C LYS A 127 -12.47 -3.12 -7.40
N ASN A 128 -12.06 -4.02 -6.52
CA ASN A 128 -13.05 -4.82 -5.81
C ASN A 128 -13.87 -3.98 -4.83
N PHE A 129 -13.21 -3.07 -4.12
CA PHE A 129 -13.91 -2.20 -3.18
C PHE A 129 -14.91 -1.34 -3.95
N ILE A 130 -14.48 -0.82 -5.10
CA ILE A 130 -15.31 0.06 -5.91
C ILE A 130 -16.57 -0.64 -6.45
N ARG A 131 -16.41 -1.81 -7.06
CA ARG A 131 -17.56 -2.54 -7.56
C ARG A 131 -18.50 -2.89 -6.41
N PHE A 132 -17.95 -3.45 -5.34
CA PHE A 132 -18.73 -3.84 -4.19
C PHE A 132 -19.72 -2.76 -3.77
N LEU A 133 -19.30 -1.50 -3.88
CA LEU A 133 -20.17 -0.37 -3.50
C LEU A 133 -21.04 0.13 -4.65
N GLY A 134 -21.13 -0.65 -5.72
CA GLY A 134 -21.96 -0.27 -6.86
C GLY A 134 -21.43 0.82 -7.77
N ALA A 135 -20.16 1.17 -7.62
CA ALA A 135 -19.55 2.20 -8.46
C ALA A 135 -18.75 1.54 -9.57
N LYS A 136 -18.31 2.32 -10.55
CA LYS A 136 -17.53 1.77 -11.66
C LYS A 136 -16.06 2.20 -11.65
N PRO A 137 -15.14 1.23 -11.57
CA PRO A 137 -13.72 1.57 -11.58
C PRO A 137 -13.26 1.98 -12.98
N VAL A 138 -12.65 3.16 -13.09
CA VAL A 138 -12.17 3.63 -14.37
C VAL A 138 -10.64 3.61 -14.43
N PHE A 139 -10.09 2.67 -15.20
CA PHE A 139 -8.65 2.58 -15.35
C PHE A 139 -8.13 3.64 -16.31
N CYS A 140 -6.97 4.21 -16.01
CA CYS A 140 -6.36 5.22 -16.87
C CYS A 140 -4.92 5.50 -16.46
N ASP A 141 -4.11 6.00 -17.40
CA ASP A 141 -2.73 6.34 -17.10
C ASP A 141 -2.82 7.59 -16.25
N PHE A 142 -1.85 7.82 -15.38
CA PHE A 142 -1.91 9.02 -14.56
C PHE A 142 -1.14 10.18 -15.17
N THR A 143 -1.60 10.61 -16.34
CA THR A 143 -1.02 11.76 -17.04
C THR A 143 -2.15 12.77 -17.12
N VAL A 144 -1.79 14.04 -17.26
CA VAL A 144 -2.77 15.11 -17.33
C VAL A 144 -3.75 14.91 -18.49
N GLU A 145 -3.23 14.53 -19.65
CA GLU A 145 -4.07 14.33 -20.84
C GLU A 145 -5.09 13.20 -20.66
N SER A 146 -4.62 12.04 -20.22
CA SER A 146 -5.52 10.90 -20.03
C SER A 146 -6.55 11.12 -18.94
N LEU A 147 -6.17 11.84 -17.88
CA LEU A 147 -7.13 12.10 -16.82
C LEU A 147 -8.23 13.02 -17.33
N GLU A 148 -7.88 13.96 -18.21
CA GLU A 148 -8.86 14.88 -18.78
C GLU A 148 -9.87 14.08 -19.61
N GLU A 149 -9.36 13.15 -20.42
CA GLU A 149 -10.21 12.32 -21.26
C GLU A 149 -11.09 11.35 -20.48
N ALA A 150 -10.64 10.93 -19.30
CA ALA A 150 -11.42 9.99 -18.49
C ALA A 150 -12.55 10.61 -17.70
N LEU A 151 -12.43 11.91 -17.40
CA LEU A 151 -13.46 12.62 -16.63
C LEU A 151 -14.84 12.59 -17.26
N SER A 152 -15.86 12.56 -16.41
CA SER A 152 -17.25 12.54 -16.85
C SER A 152 -18.11 13.20 -15.77
N ASP A 153 -19.41 13.16 -15.97
CA ASP A 153 -20.35 13.74 -15.00
C ASP A 153 -20.49 12.81 -13.79
N LYS A 154 -20.11 11.55 -13.97
CA LYS A 154 -20.22 10.58 -12.89
C LYS A 154 -18.93 10.41 -12.08
N THR A 155 -17.85 11.03 -12.53
CA THR A 155 -16.57 10.95 -11.83
C THR A 155 -16.69 11.51 -10.42
N LYS A 156 -16.61 10.64 -9.42
CA LYS A 156 -16.74 11.07 -8.03
C LYS A 156 -15.41 11.24 -7.31
N ALA A 157 -14.46 10.36 -7.58
CA ALA A 157 -13.18 10.45 -6.91
C ALA A 157 -12.06 9.80 -7.68
N ILE A 158 -10.85 9.98 -7.14
CA ILE A 158 -9.64 9.39 -7.72
C ILE A 158 -8.82 8.82 -6.55
N ILE A 159 -8.23 7.66 -6.77
CA ILE A 159 -7.43 7.04 -5.73
C ILE A 159 -5.98 7.18 -6.17
N ILE A 160 -5.20 7.93 -5.39
CA ILE A 160 -3.79 8.10 -5.71
C ILE A 160 -2.97 7.34 -4.67
N ASN A 161 -2.19 6.36 -5.14
CA ASN A 161 -1.34 5.54 -4.26
C ASN A 161 0.11 5.92 -4.54
N SER A 162 0.74 6.61 -3.61
CA SER A 162 2.11 7.06 -3.83
C SER A 162 3.00 7.02 -2.59
N PRO A 163 4.11 6.28 -2.65
CA PRO A 163 4.55 5.49 -3.82
C PRO A 163 3.55 4.36 -4.08
N SER A 164 3.46 3.92 -5.33
CA SER A 164 2.51 2.89 -5.72
C SER A 164 2.92 1.44 -5.66
N ASN A 165 2.00 0.66 -5.37
CA ASN A 165 2.13 -0.78 -5.52
C ASN A 165 1.39 -1.04 -6.69
N PRO A 166 1.77 -1.67 -7.78
CA PRO A 166 2.98 -2.34 -8.10
C PRO A 166 4.17 -1.51 -8.65
N LEU A 167 4.07 -0.28 -9.10
CA LEU A 167 5.17 0.46 -9.72
C LEU A 167 6.39 0.86 -8.90
N GLY A 168 6.19 1.22 -7.63
CA GLY A 168 7.33 1.63 -6.82
C GLY A 168 7.74 3.06 -7.14
N GLU A 169 6.87 3.75 -7.87
CA GLU A 169 7.14 5.13 -8.27
C GLU A 169 6.38 6.13 -7.42
N VAL A 170 6.84 7.38 -7.45
CA VAL A 170 6.19 8.47 -6.72
C VAL A 170 5.39 9.26 -7.75
N ILE A 171 4.14 9.56 -7.44
CA ILE A 171 3.29 10.31 -8.36
C ILE A 171 3.73 11.78 -8.35
N ASP A 172 3.78 12.40 -9.53
CA ASP A 172 4.19 13.79 -9.60
C ASP A 172 3.16 14.81 -9.14
N ARG A 173 3.69 15.96 -8.73
CA ARG A 173 2.91 17.10 -8.23
C ARG A 173 1.72 17.50 -9.10
N GLU A 174 1.92 17.52 -10.42
CA GLU A 174 0.86 17.93 -11.36
C GLU A 174 -0.42 17.10 -11.29
N ILE A 175 -0.28 15.79 -11.07
CA ILE A 175 -1.46 14.94 -10.97
C ILE A 175 -2.32 15.39 -9.79
N TYR A 176 -1.68 15.68 -8.66
CA TYR A 176 -2.43 16.14 -7.49
C TYR A 176 -3.11 17.47 -7.80
N GLU A 177 -2.36 18.40 -8.39
CA GLU A 177 -2.87 19.72 -8.75
C GLU A 177 -4.06 19.63 -9.70
N PHE A 178 -3.96 18.76 -10.70
CA PHE A 178 -5.06 18.58 -11.64
C PHE A 178 -6.30 18.05 -10.90
N ALA A 179 -6.09 17.03 -10.07
CA ALA A 179 -7.19 16.43 -9.33
C ALA A 179 -7.94 17.40 -8.41
N TYR A 180 -7.20 18.25 -7.70
CA TYR A 180 -7.85 19.20 -6.80
C TYR A 180 -8.65 20.29 -7.51
N GLU A 181 -8.34 20.54 -8.77
CA GLU A 181 -9.08 21.55 -9.54
C GLU A 181 -10.26 20.90 -10.27
N ASN A 182 -10.08 19.64 -10.65
CA ASN A 182 -11.09 18.94 -11.43
C ASN A 182 -11.88 17.79 -10.81
N ILE A 183 -11.38 17.17 -9.75
CA ILE A 183 -12.09 16.03 -9.17
C ILE A 183 -12.66 16.30 -7.79
N PRO A 184 -13.95 16.00 -7.58
CA PRO A 184 -14.55 16.26 -6.26
C PRO A 184 -13.87 15.66 -5.03
N TYR A 185 -13.34 14.45 -5.13
CA TYR A 185 -12.67 13.84 -3.98
C TYR A 185 -11.36 13.15 -4.32
N ILE A 186 -10.35 13.40 -3.48
CA ILE A 186 -9.04 12.80 -3.65
C ILE A 186 -8.82 11.83 -2.49
N ILE A 187 -8.64 10.56 -2.80
CA ILE A 187 -8.39 9.56 -1.77
C ILE A 187 -6.91 9.22 -1.96
N SER A 188 -6.08 9.64 -1.02
CA SER A 188 -4.64 9.43 -1.11
C SER A 188 -4.19 8.25 -0.25
N ASP A 189 -3.65 7.22 -0.89
CA ASP A 189 -3.19 6.03 -0.18
C ASP A 189 -1.69 6.20 -0.01
N GLU A 190 -1.27 6.56 1.19
CA GLU A 190 0.14 6.81 1.48
C GLU A 190 0.82 5.78 2.39
N ILE A 191 0.27 4.57 2.42
CA ILE A 191 0.79 3.50 3.27
C ILE A 191 2.28 3.19 3.12
N TYR A 192 2.86 3.49 1.97
CA TYR A 192 4.29 3.26 1.74
C TYR A 192 5.14 4.53 1.89
N ASN A 193 4.49 5.62 2.26
CA ASN A 193 5.20 6.89 2.43
C ASN A 193 6.27 6.66 3.49
N GLY A 194 7.43 7.27 3.30
CA GLY A 194 8.51 7.07 4.25
C GLY A 194 9.50 6.10 3.63
N LEU A 195 8.99 5.19 2.80
CA LEU A 195 9.83 4.24 2.09
C LEU A 195 10.16 4.86 0.74
N VAL A 196 10.93 5.94 0.78
CA VAL A 196 11.34 6.66 -0.42
C VAL A 196 12.85 6.83 -0.35
N TYR A 197 13.55 6.43 -1.41
CA TYR A 197 15.00 6.46 -1.41
C TYR A 197 15.67 7.60 -2.17
N GLU A 198 14.90 8.33 -2.96
CA GLU A 198 15.40 9.48 -3.72
C GLU A 198 14.35 10.57 -3.72
N GLY A 199 14.74 11.77 -3.32
CA GLY A 199 13.80 12.88 -3.31
C GLY A 199 13.15 13.15 -1.97
N LYS A 200 11.92 13.66 -2.03
CA LYS A 200 11.17 14.02 -0.83
C LYS A 200 9.83 13.29 -0.73
N CYS A 201 9.40 13.03 0.50
CA CYS A 201 8.12 12.37 0.74
C CYS A 201 7.01 13.36 0.40
N TYR A 202 6.17 12.99 -0.56
CA TYR A 202 5.06 13.84 -1.00
C TYR A 202 3.72 13.38 -0.45
N SER A 203 3.10 14.20 0.39
CA SER A 203 1.80 13.90 0.98
C SER A 203 0.72 14.80 0.38
N ALA A 204 -0.51 14.30 0.32
CA ALA A 204 -1.62 15.07 -0.24
C ALA A 204 -1.95 16.25 0.65
N ILE A 205 -1.64 16.12 1.94
CA ILE A 205 -1.89 17.18 2.93
C ILE A 205 -1.22 18.47 2.46
N GLU A 206 -0.20 18.35 1.63
CA GLU A 206 0.51 19.53 1.12
C GLU A 206 -0.26 20.32 0.06
N PHE A 207 -1.29 19.71 -0.53
CA PHE A 207 -2.09 20.39 -1.55
C PHE A 207 -3.46 20.83 -1.04
N ASP A 208 -3.91 20.21 0.04
CA ASP A 208 -5.21 20.52 0.61
C ASP A 208 -5.08 20.42 2.13
N GLU A 209 -4.38 21.39 2.71
CA GLU A 209 -4.12 21.43 4.14
C GLU A 209 -5.35 21.46 5.04
N ASN A 210 -6.50 21.77 4.47
CA ASN A 210 -7.74 21.80 5.25
C ASN A 210 -8.57 20.54 5.01
N LEU A 211 -8.00 19.61 4.25
CA LEU A 211 -8.68 18.36 3.94
C LEU A 211 -10.12 18.61 3.53
N GLU A 212 -10.30 19.62 2.69
CA GLU A 212 -11.62 19.99 2.20
C GLU A 212 -12.18 18.91 1.27
N LYS A 213 -11.31 18.37 0.43
CA LYS A 213 -11.75 17.34 -0.50
C LYS A 213 -10.81 16.14 -0.59
N THR A 214 -10.05 15.91 0.48
CA THR A 214 -9.16 14.76 0.48
C THR A 214 -9.34 13.86 1.69
N ILE A 215 -9.12 12.57 1.48
CA ILE A 215 -9.18 11.59 2.55
C ILE A 215 -7.82 10.92 2.46
N LEU A 216 -7.03 11.07 3.51
CA LEU A 216 -5.70 10.52 3.56
C LEU A 216 -5.67 9.19 4.31
N ILE A 217 -5.08 8.19 3.70
CA ILE A 217 -5.00 6.88 4.31
C ILE A 217 -3.54 6.47 4.48
N ASN A 218 -3.19 6.11 5.72
CA ASN A 218 -1.86 5.65 6.05
C ASN A 218 -1.99 4.69 7.24
N GLY A 219 -0.87 4.14 7.69
CA GLY A 219 -0.92 3.21 8.81
C GLY A 219 0.46 2.78 9.22
N PHE A 220 0.55 1.77 10.07
CA PHE A 220 1.85 1.30 10.56
C PHE A 220 2.38 0.01 9.95
N SER A 221 1.58 -0.62 9.08
CA SER A 221 1.97 -1.89 8.46
C SER A 221 3.32 -1.94 7.75
N1 LLP A 222 -2.73 -0.30 0.02
C2 LLP A 222 -1.76 -0.96 -0.71
C2' LLP A 222 -1.51 -0.52 -2.16
C3 LLP A 222 -1.04 -1.98 -0.10
O3 LLP A 222 -0.07 -2.64 -0.83
C4 LLP A 222 -1.32 -2.33 1.27
C4' LLP A 222 -0.50 -3.48 1.90
C5 LLP A 222 -2.36 -1.60 1.98
C6 LLP A 222 -3.04 -0.60 1.32
C5' LLP A 222 -2.83 -1.79 3.45
OP4 LLP A 222 -2.32 -2.74 4.38
P LLP A 222 -2.84 -2.79 5.89
OP1 LLP A 222 -2.42 -1.52 6.52
OP2 LLP A 222 -1.98 -3.99 6.41
OP3 LLP A 222 -4.27 -3.13 5.93
N LLP A 222 3.54 -1.01 6.83
CA LLP A 222 4.77 -1.01 6.04
CB LLP A 222 4.46 -0.48 4.62
CG LLP A 222 3.23 -1.09 3.97
CD LLP A 222 3.34 -2.60 3.80
CE LLP A 222 1.99 -3.19 3.38
NZ LLP A 222 0.75 -3.44 2.60
C LLP A 222 5.98 -0.28 6.61
O LLP A 222 7.03 -0.88 6.75
N LEU A 223 5.85 1.00 6.91
CA LEU A 223 6.99 1.76 7.41
C LEU A 223 7.54 1.20 8.73
N TYR A 224 6.67 0.70 9.60
CA TYR A 224 7.12 0.18 10.90
C TYR A 224 7.09 -1.34 11.03
N ALA A 225 6.77 -2.03 9.95
CA ALA A 225 6.71 -3.48 9.98
C ALA A 225 5.71 -4.00 11.04
N MET A 226 4.49 -3.48 10.99
CA MET A 226 3.44 -3.89 11.93
C MET A 226 2.23 -4.49 11.19
N THR A 227 2.49 -5.20 10.11
CA THR A 227 1.42 -5.80 9.31
C THR A 227 0.40 -6.60 10.13
N GLY A 228 0.89 -7.52 10.95
CA GLY A 228 -0.01 -8.34 11.75
C GLY A 228 -0.71 -7.64 12.90
N TRP A 229 -0.18 -6.50 13.35
CA TRP A 229 -0.80 -5.77 14.45
C TRP A 229 -2.11 -5.10 14.04
N ARG A 230 -2.39 -5.08 12.74
CA ARG A 230 -3.63 -4.51 12.20
C ARG A 230 -3.99 -3.14 12.76
N ILE A 231 -3.29 -2.11 12.31
CA ILE A 231 -3.57 -0.77 12.77
C ILE A 231 -3.11 0.29 11.78
N GLY A 232 -4.07 1.09 11.31
CA GLY A 232 -3.80 2.16 10.38
C GLY A 232 -4.62 3.36 10.81
N TYR A 233 -4.75 4.37 9.95
CA TYR A 233 -5.53 5.53 10.32
C TYR A 233 -5.99 6.33 9.10
N VAL A 234 -7.05 7.10 9.28
CA VAL A 234 -7.58 7.91 8.21
C VAL A 234 -7.67 9.36 8.67
N ILE A 235 -7.34 10.29 7.79
CA ILE A 235 -7.40 11.71 8.13
C ILE A 235 -8.23 12.44 7.08
N SER A 236 -9.12 13.32 7.54
CA SER A 236 -9.97 14.10 6.64
C SER A 236 -10.70 15.20 7.42
N ASN A 237 -11.67 15.86 6.79
CA ASN A 237 -12.42 16.92 7.48
C ASN A 237 -13.49 16.32 8.40
N ASP A 238 -14.07 17.18 9.24
CA ASP A 238 -15.09 16.78 10.21
C ASP A 238 -16.23 15.92 9.68
N GLU A 239 -16.88 16.38 8.61
CA GLU A 239 -18.01 15.64 8.04
C GLU A 239 -17.66 14.23 7.62
N ILE A 240 -16.51 14.06 6.97
CA ILE A 240 -16.09 12.75 6.52
C ILE A 240 -15.65 11.87 7.70
N ILE A 241 -14.91 12.45 8.64
CA ILE A 241 -14.45 11.68 9.79
C ILE A 241 -15.63 11.21 10.63
N GLU A 242 -16.63 12.06 10.78
CA GLU A 242 -17.82 11.73 11.56
C GLU A 242 -18.55 10.55 10.91
N ALA A 243 -18.54 10.51 9.58
CA ALA A 243 -19.21 9.45 8.85
C ALA A 243 -18.45 8.13 9.00
N ILE A 244 -17.13 8.19 8.91
CA ILE A 244 -16.29 7.01 9.04
C ILE A 244 -16.41 6.44 10.45
N LEU A 245 -16.64 7.32 11.43
CA LEU A 245 -16.79 6.88 12.82
C LEU A 245 -18.01 5.98 12.98
N LYS A 246 -19.13 6.36 12.36
CA LYS A 246 -20.35 5.57 12.42
C LYS A 246 -20.10 4.19 11.84
N LEU A 247 -19.38 4.14 10.73
CA LEU A 247 -19.07 2.86 10.10
C LEU A 247 -18.19 2.03 11.04
N GLN A 248 -17.21 2.67 11.64
CA GLN A 248 -16.28 2.02 12.57
C GLN A 248 -17.00 1.50 13.83
N GLN A 249 -17.90 2.29 14.39
CA GLN A 249 -18.63 1.90 15.59
C GLN A 249 -19.51 0.66 15.35
N ASN A 250 -20.00 0.51 14.13
CA ASN A 250 -20.85 -0.62 13.81
C ASN A 250 -20.10 -1.88 13.37
N LEU A 251 -19.21 -1.71 12.39
CA LEU A 251 -18.46 -2.82 11.81
C LEU A 251 -17.22 -3.35 12.52
N PHE A 252 -16.56 -2.53 13.34
CA PHE A 252 -15.33 -2.98 13.96
C PHE A 252 -15.17 -2.64 15.44
N ILE A 253 -15.82 -1.57 15.88
CA ILE A 253 -15.76 -1.08 17.26
C ILE A 253 -14.50 -0.25 17.50
N SER A 254 -13.32 -0.87 17.41
CA SER A 254 -12.06 -0.14 17.62
C SER A 254 -10.83 -0.99 17.29
N ALA A 255 -9.75 -0.35 16.87
CA ALA A 255 -8.52 -1.06 16.52
C ALA A 255 -8.02 -1.84 17.73
N PRO A 256 -7.29 -2.94 17.49
CA PRO A 256 -6.80 -3.73 18.62
C PRO A 256 -6.09 -2.89 19.68
N THR A 257 -6.55 -3.03 20.92
CA THR A 257 -6.03 -2.28 22.04
C THR A 257 -4.52 -2.32 22.27
N ILE A 258 -3.93 -3.50 22.17
CA ILE A 258 -2.50 -3.63 22.39
C ILE A 258 -1.69 -2.88 21.34
N SER A 259 -2.14 -2.91 20.09
CA SER A 259 -1.42 -2.21 19.04
C SER A 259 -1.41 -0.70 19.27
N GLN A 260 -2.58 -0.15 19.57
CA GLN A 260 -2.70 1.28 19.81
C GLN A 260 -1.65 1.76 20.82
N TYR A 261 -1.61 1.13 21.99
CA TYR A 261 -0.65 1.53 23.00
C TYR A 261 0.79 1.28 22.55
N ALA A 262 1.02 0.17 21.86
CA ALA A 262 2.35 -0.15 21.39
C ALA A 262 2.84 0.86 20.34
N ALA A 263 1.93 1.31 19.49
CA ALA A 263 2.26 2.26 18.43
C ALA A 263 2.80 3.60 18.94
N LEU A 264 2.44 3.96 20.17
CA LEU A 264 2.92 5.21 20.74
C LEU A 264 4.45 5.26 20.70
N LYS A 265 5.08 4.10 20.84
CA LYS A 265 6.54 4.02 20.81
C LYS A 265 7.15 4.13 19.41
N ALA A 266 6.31 4.21 18.39
CA ALA A 266 6.81 4.32 17.03
C ALA A 266 7.46 5.68 16.78
N PHE A 267 7.13 6.66 17.60
CA PHE A 267 7.66 8.01 17.44
C PHE A 267 8.82 8.30 18.39
N GLU A 268 9.46 7.24 18.87
CA GLU A 268 10.58 7.38 19.79
C GLU A 268 11.88 7.45 18.99
N LYS A 269 12.88 8.10 19.57
CA LYS A 269 14.19 8.24 18.94
C LYS A 269 14.73 6.87 18.57
N GLU A 270 14.74 5.96 19.55
CA GLU A 270 15.26 4.62 19.28
C GLU A 270 14.56 3.95 18.10
N THR A 271 13.24 4.07 18.02
CA THR A 271 12.51 3.45 16.92
C THR A 271 12.87 4.06 15.57
N GLU A 272 12.88 5.39 15.48
CA GLU A 272 13.22 6.03 14.21
C GLU A 272 14.63 5.60 13.81
N ARG A 273 15.44 5.29 14.80
CA ARG A 273 16.80 4.84 14.55
C ARG A 273 16.71 3.55 13.75
N GLU A 274 15.92 2.61 14.26
CA GLU A 274 15.73 1.32 13.63
C GLU A 274 15.09 1.39 12.25
N ILE A 275 14.12 2.28 12.07
CA ILE A 275 13.47 2.40 10.77
C ILE A 275 14.43 2.95 9.73
N ASN A 276 15.32 3.85 10.14
CA ASN A 276 16.29 4.41 9.20
C ASN A 276 17.26 3.32 8.74
N SER A 277 17.59 2.40 9.64
CA SER A 277 18.46 1.30 9.34
C SER A 277 17.75 0.40 8.32
N MET A 278 16.45 0.25 8.51
CA MET A 278 15.63 -0.56 7.63
C MET A 278 15.56 0.09 6.25
N ILE A 279 15.32 1.40 6.22
CA ILE A 279 15.24 2.11 4.95
C ILE A 279 16.55 1.96 4.16
N LYS A 280 17.69 2.04 4.84
CA LYS A 280 18.97 1.89 4.16
C LYS A 280 19.11 0.51 3.52
N GLU A 281 18.75 -0.53 4.27
CA GLU A 281 18.85 -1.89 3.75
C GLU A 281 17.97 -2.07 2.50
N PHE A 282 16.74 -1.57 2.55
CA PHE A 282 15.84 -1.68 1.41
C PHE A 282 16.45 -1.01 0.18
N ASP A 283 17.10 0.13 0.38
CA ASP A 283 17.71 0.85 -0.73
C ASP A 283 18.88 0.07 -1.33
N ARG A 284 19.64 -0.61 -0.48
CA ARG A 284 20.77 -1.40 -0.96
C ARG A 284 20.20 -2.51 -1.86
N ARG A 285 19.09 -3.08 -1.43
CA ARG A 285 18.43 -4.15 -2.19
C ARG A 285 17.87 -3.61 -3.51
N ARG A 286 17.22 -2.45 -3.44
CA ARG A 286 16.62 -1.84 -4.63
C ARG A 286 17.67 -1.62 -5.74
N ARG A 287 18.86 -1.20 -5.34
CA ARG A 287 19.93 -0.96 -6.30
C ARG A 287 20.42 -2.27 -6.93
N LEU A 288 20.47 -3.33 -6.12
CA LEU A 288 20.90 -4.63 -6.60
C LEU A 288 19.92 -5.10 -7.66
N VAL A 289 18.63 -4.92 -7.38
CA VAL A 289 17.59 -5.33 -8.32
C VAL A 289 17.62 -4.53 -9.61
N LEU A 290 17.91 -3.24 -9.49
CA LEU A 290 17.95 -2.37 -10.66
C LEU A 290 19.16 -2.65 -11.55
N LYS A 291 20.26 -3.04 -10.93
CA LYS A 291 21.46 -3.36 -11.71
C LYS A 291 21.18 -4.52 -12.65
N TYR A 292 20.58 -5.59 -12.13
CA TYR A 292 20.26 -6.76 -12.94
C TYR A 292 19.20 -6.47 -13.99
N VAL A 293 18.16 -5.73 -13.59
CA VAL A 293 17.08 -5.39 -14.51
C VAL A 293 17.62 -4.69 -15.76
N LYS A 294 18.54 -3.76 -15.56
CA LYS A 294 19.12 -3.03 -16.69
C LYS A 294 19.98 -4.00 -17.48
N ASP A 295 20.61 -4.92 -16.76
CA ASP A 295 21.47 -5.93 -17.36
C ASP A 295 20.60 -6.87 -18.20
N PHE A 296 19.43 -7.22 -17.65
CA PHE A 296 18.49 -8.09 -18.32
C PHE A 296 17.87 -7.43 -19.54
N GLY A 297 18.18 -6.15 -19.74
CA GLY A 297 17.62 -5.44 -20.88
C GLY A 297 16.16 -5.09 -20.68
N TRP A 298 15.69 -5.15 -19.42
CA TRP A 298 14.29 -4.82 -19.11
C TRP A 298 14.12 -3.32 -18.91
N GLU A 299 12.88 -2.85 -19.07
CA GLU A 299 12.59 -1.43 -18.91
C GLU A 299 11.81 -1.09 -17.65
N VAL A 300 12.26 -0.07 -16.94
CA VAL A 300 11.56 0.41 -15.76
C VAL A 300 11.66 1.90 -15.93
N ASN A 301 11.00 2.64 -15.05
CA ASN A 301 11.04 4.10 -15.15
C ASN A 301 11.01 4.74 -13.79
N ASN A 302 12.11 5.01 -13.17
CA ASN A 302 12.10 5.62 -11.84
C ASN A 302 11.52 5.05 -10.53
N PRO A 303 11.66 3.72 -10.31
CA PRO A 303 11.16 3.18 -9.05
C PRO A 303 12.04 3.66 -7.87
N ILE A 304 11.48 4.54 -7.03
CA ILE A 304 12.23 5.04 -5.88
C ILE A 304 11.52 4.89 -4.53
N GLY A 305 10.48 4.07 -4.46
CA GLY A 305 9.77 3.91 -3.21
C GLY A 305 9.18 2.53 -2.97
N ALA A 306 8.59 2.34 -1.79
CA ALA A 306 7.99 1.06 -1.44
C ALA A 306 9.11 0.02 -1.55
N TYR A 307 8.79 -1.19 -2.01
CA TYR A 307 9.81 -2.21 -2.18
C TYR A 307 9.49 -3.10 -3.38
N TYR A 308 9.04 -2.44 -4.45
CA TYR A 308 8.68 -3.13 -5.68
C TYR A 308 9.31 -2.48 -6.90
N VAL A 309 9.53 -3.29 -7.93
CA VAL A 309 10.07 -2.83 -9.20
C VAL A 309 9.14 -3.53 -10.20
N PHE A 310 8.65 -2.79 -11.19
CA PHE A 310 7.70 -3.33 -12.16
C PHE A 310 8.24 -3.21 -13.59
N PRO A 311 9.22 -4.06 -13.95
CA PRO A 311 9.84 -4.07 -15.27
C PRO A 311 9.01 -4.59 -16.44
N ASN A 312 9.22 -3.98 -17.60
CA ASN A 312 8.56 -4.41 -18.83
C ASN A 312 9.53 -5.43 -19.42
N ILE A 313 9.16 -6.71 -19.35
CA ILE A 313 10.03 -7.76 -19.85
C ILE A 313 9.79 -8.07 -21.33
N GLY A 314 9.05 -7.19 -21.99
CA GLY A 314 8.77 -7.39 -23.41
C GLY A 314 8.01 -8.65 -23.74
N GLU A 315 7.40 -9.29 -22.75
CA GLU A 315 6.66 -10.52 -23.01
C GLU A 315 5.64 -10.89 -21.95
N ASP A 316 4.88 -11.96 -22.20
CA ASP A 316 3.80 -12.30 -21.29
C ASP A 316 4.26 -12.64 -19.89
N GLY A 317 4.07 -11.69 -18.97
CA GLY A 317 4.45 -11.90 -17.58
C GLY A 317 3.86 -13.17 -16.97
N ARG A 318 2.61 -13.44 -17.26
CA ARG A 318 1.94 -14.63 -16.73
C ARG A 318 2.72 -15.92 -17.03
N GLU A 319 3.01 -16.14 -18.31
CA GLU A 319 3.72 -17.31 -18.76
C GLU A 319 5.14 -17.32 -18.23
N PHE A 320 5.80 -16.16 -18.31
CA PHE A 320 7.16 -16.02 -17.83
C PHE A 320 7.26 -16.51 -16.39
N ALA A 321 6.34 -16.02 -15.56
CA ALA A 321 6.31 -16.38 -14.15
C ALA A 321 6.23 -17.89 -13.93
N TYR A 322 5.25 -18.54 -14.57
CA TYR A 322 5.09 -19.97 -14.41
C TYR A 322 6.36 -20.75 -14.74
N LYS A 323 6.92 -20.51 -15.91
CA LYS A 323 8.12 -21.21 -16.33
C LYS A 323 9.28 -21.00 -15.37
N LEU A 324 9.53 -19.74 -14.99
CA LEU A 324 10.62 -19.43 -14.09
C LEU A 324 10.47 -20.17 -12.77
N LEU A 325 9.26 -20.19 -12.23
CA LEU A 325 9.00 -20.87 -10.97
C LEU A 325 9.31 -22.37 -11.03
N LYS A 326 8.83 -23.03 -12.08
CA LYS A 326 9.04 -24.47 -12.26
C LYS A 326 10.48 -24.87 -12.50
N GLU A 327 11.18 -24.11 -13.32
CA GLU A 327 12.58 -24.42 -13.63
C GLU A 327 13.59 -23.96 -12.59
N LYS A 328 13.56 -22.68 -12.24
CA LYS A 328 14.51 -22.13 -11.28
C LYS A 328 14.01 -21.94 -9.85
N PHE A 329 12.75 -22.28 -9.60
CA PHE A 329 12.18 -22.16 -8.27
C PHE A 329 12.18 -20.72 -7.76
N VAL A 330 11.86 -19.78 -8.65
CA VAL A 330 11.82 -18.35 -8.31
C VAL A 330 10.40 -17.82 -8.49
N ALA A 331 9.81 -17.41 -7.38
CA ALA A 331 8.44 -16.90 -7.36
C ALA A 331 8.33 -15.40 -7.66
N LEU A 332 7.66 -15.08 -8.76
CA LEU A 332 7.44 -13.69 -9.18
C LEU A 332 5.94 -13.49 -9.38
N THR A 333 5.50 -12.24 -9.35
CA THR A 333 4.10 -11.92 -9.52
C THR A 333 3.80 -11.41 -10.92
N PRO A 334 2.88 -12.07 -11.65
CA PRO A 334 2.52 -11.65 -13.00
C PRO A 334 1.89 -10.26 -13.01
N GLY A 335 2.40 -9.38 -13.88
CA GLY A 335 1.91 -8.02 -13.96
C GLY A 335 0.45 -7.84 -14.30
N ILE A 336 -0.08 -8.72 -15.16
CA ILE A 336 -1.47 -8.64 -15.60
C ILE A 336 -2.46 -8.51 -14.43
N GLY A 337 -2.08 -9.03 -13.27
CA GLY A 337 -2.96 -8.97 -12.11
C GLY A 337 -3.29 -7.57 -11.62
N PHE A 338 -2.40 -6.61 -11.88
CA PHE A 338 -2.64 -5.24 -11.42
C PHE A 338 -3.34 -4.35 -12.45
N GLY A 339 -3.52 -4.85 -13.66
CA GLY A 339 -4.16 -4.07 -14.70
C GLY A 339 -3.86 -4.59 -16.09
N SER A 340 -4.65 -4.18 -17.08
CA SER A 340 -4.46 -4.62 -18.45
C SER A 340 -3.12 -4.17 -19.00
N LYS A 341 -2.67 -2.99 -18.59
CA LYS A 341 -1.42 -2.43 -19.04
C LYS A 341 -0.21 -3.28 -18.66
N GLY A 342 -0.41 -4.22 -17.74
CA GLY A 342 0.70 -5.05 -17.29
C GLY A 342 0.80 -6.46 -17.81
N LYS A 343 0.42 -6.70 -19.06
CA LYS A 343 0.50 -8.04 -19.61
C LYS A 343 1.98 -8.45 -19.75
N ASN A 344 2.78 -7.52 -20.26
CA ASN A 344 4.22 -7.65 -20.53
C ASN A 344 5.10 -7.31 -19.33
N TYR A 345 4.45 -7.06 -18.18
CA TYR A 345 5.15 -6.81 -16.94
C TYR A 345 5.08 -7.91 -15.83
N ILE A 346 5.90 -7.71 -14.80
CA ILE A 346 5.94 -8.57 -13.62
C ILE A 346 6.41 -7.72 -12.46
N ARG A 347 5.94 -8.03 -11.25
CA ARG A 347 6.37 -7.27 -10.08
C ARG A 347 7.40 -8.05 -9.30
N ILE A 348 8.49 -7.38 -8.99
CA ILE A 348 9.55 -7.99 -8.20
C ILE A 348 9.59 -7.26 -6.85
N SER A 349 9.48 -8.03 -5.78
CA SER A 349 9.51 -7.46 -4.45
C SER A 349 10.84 -7.78 -3.80
N TYR A 350 11.56 -6.77 -3.33
CA TYR A 350 12.84 -7.02 -2.69
C TYR A 350 12.70 -7.00 -1.17
N ALA A 351 11.53 -7.43 -0.70
CA ALA A 351 11.23 -7.53 0.71
C ALA A 351 11.71 -8.90 1.17
N ASN A 352 12.92 -9.25 0.75
CA ASN A 352 13.50 -10.53 1.11
C ASN A 352 14.96 -10.17 1.41
N SER A 353 15.64 -10.98 2.22
CA SER A 353 17.05 -10.81 2.56
C SER A 353 17.86 -10.48 1.30
N TYR A 354 18.94 -9.73 1.45
CA TYR A 354 19.80 -9.41 0.31
C TYR A 354 20.33 -10.67 -0.44
N GLU A 355 20.89 -11.60 0.32
CA GLU A 355 21.43 -12.83 -0.26
C GLU A 355 20.40 -13.59 -1.10
N ASN A 356 19.22 -13.82 -0.54
CA ASN A 356 18.18 -14.53 -1.26
C ASN A 356 17.86 -13.82 -2.58
N ILE A 357 17.84 -12.48 -2.56
CA ILE A 357 17.55 -11.72 -3.76
C ILE A 357 18.65 -11.91 -4.82
N LYS A 358 19.90 -11.96 -4.36
CA LYS A 358 21.03 -12.15 -5.28
C LYS A 358 20.89 -13.46 -6.04
N GLU A 359 20.78 -14.56 -5.30
CA GLU A 359 20.65 -15.86 -5.92
C GLU A 359 19.41 -15.89 -6.81
N GLY A 360 18.36 -15.22 -6.35
CA GLY A 360 17.14 -15.16 -7.13
C GLY A 360 17.38 -14.49 -8.47
N LEU A 361 18.09 -13.37 -8.45
CA LEU A 361 18.37 -12.64 -9.68
C LEU A 361 19.35 -13.44 -10.55
N GLU A 362 20.35 -14.07 -9.93
CA GLU A 362 21.31 -14.86 -10.67
C GLU A 362 20.61 -15.99 -11.43
N ARG A 363 19.67 -16.66 -10.77
CA ARG A 363 18.94 -17.75 -11.41
C ARG A 363 18.21 -17.23 -12.65
N ILE A 364 17.57 -16.06 -12.52
CA ILE A 364 16.85 -15.47 -13.63
C ILE A 364 17.80 -15.19 -14.78
N LYS A 365 19.03 -14.78 -14.46
CA LYS A 365 20.02 -14.50 -15.48
C LYS A 365 20.38 -15.80 -16.20
N GLU A 366 20.37 -16.91 -15.45
CA GLU A 366 20.68 -18.22 -16.01
C GLU A 366 19.49 -18.74 -16.80
N PHE A 367 18.33 -18.13 -16.59
CA PHE A 367 17.11 -18.52 -17.27
C PHE A 367 16.98 -17.80 -18.61
N LEU A 368 17.52 -16.60 -18.67
CA LEU A 368 17.45 -15.79 -19.89
C LEU A 368 18.53 -16.12 -20.90
N ASN A 369 19.71 -16.49 -20.42
CA ASN A 369 20.81 -16.82 -21.30
C ASN A 369 20.92 -18.33 -21.50
#